data_5B5P
#
_entry.id   5B5P
#
_cell.length_a   135.798
_cell.length_b   36.281
_cell.length_c   96.382
_cell.angle_alpha   90.000
_cell.angle_beta   130.140
_cell.angle_gamma   90.000
#
_symmetry.space_group_name_H-M   'C 1 2 1'
#
loop_
_entity.id
_entity.type
_entity.pdbx_description
1 polymer 'Collagenase 3'
2 non-polymer 'ZINC ION'
3 non-polymer 'CALCIUM ION'
4 non-polymer 4-oxo-N-{3-[2-(1H-1,2,4-triazol-3-ylsulfanyl)ethoxy]benzyl}-3,4-dihydroquinazoline-2-carboxamide
5 water water
#
_entity_poly.entity_id   1
_entity_poly.type   'polypeptide(L)'
_entity_poly.pdbx_seq_one_letter_code
;EYNVFPRTLKWSKMNLTYRIVNYTPDMTHSEVEKAFKKAFKVWSDVTPLNFTRLHDGIADIMISFGIKEHGDFYPFDGPS
GLLAHAFPPGPNYGGDAHFDDDETWTSSSKGYNLFLVAAHEFGHSLGLDHSKDPGALMFPIYTYTGKSHFMLPDDDVQGI
QSLYGPGDEDPN
;
_entity_poly.pdbx_strand_id   A,B
#
loop_
_chem_comp.id
_chem_comp.type
_chem_comp.name
_chem_comp.formula
CA non-polymer 'CALCIUM ION' 'Ca 2'
WNN non-polymer 4-oxo-N-{3-[2-(1H-1,2,4-triazol-3-ylsulfanyl)ethoxy]benzyl}-3,4-dihydroquinazoline-2-carboxamide 'C20 H18 N6 O3 S'
ZN non-polymer 'ZINC ION' 'Zn 2'
#
# COMPACT_ATOMS: atom_id res chain seq x y z
N TYR A 2 -20.61 3.82 -2.06
CA TYR A 2 -19.26 3.79 -2.69
C TYR A 2 -18.21 4.34 -1.74
N ASN A 3 -16.95 4.05 -2.02
CA ASN A 3 -15.84 4.60 -1.27
C ASN A 3 -14.70 4.99 -2.20
N VAL A 4 -14.17 6.18 -1.98
CA VAL A 4 -12.97 6.65 -2.66
C VAL A 4 -11.81 6.40 -1.70
N PHE A 5 -10.59 6.35 -2.24
CA PHE A 5 -9.39 6.23 -1.40
C PHE A 5 -9.13 7.51 -0.59
N PRO A 6 -8.72 7.37 0.69
CA PRO A 6 -8.38 8.48 1.62
C PRO A 6 -7.36 9.51 1.09
N ARG A 7 -7.29 10.68 1.75
CA ARG A 7 -6.49 11.84 1.28
C ARG A 7 -5.00 11.76 1.59
N THR A 8 -4.67 11.23 2.76
CA THR A 8 -3.28 10.94 3.07
C THR A 8 -3.14 9.45 3.32
N LEU A 9 -1.90 8.96 3.25
CA LEU A 9 -1.61 7.60 3.64
C LEU A 9 -1.62 7.56 5.17
N LYS A 10 -2.58 6.85 5.72
CA LYS A 10 -2.71 6.67 7.17
C LYS A 10 -3.48 5.39 7.43
N TRP A 11 -3.37 4.88 8.65
CA TRP A 11 -4.15 3.72 9.07
C TRP A 11 -5.60 4.15 9.25
N SER A 12 -6.53 3.29 8.84
CA SER A 12 -7.95 3.62 8.92
C SER A 12 -8.58 3.06 10.19
N LYS A 13 -7.73 2.58 11.10
CA LYS A 13 -8.16 2.03 12.39
C LYS A 13 -7.18 2.50 13.49
N MET A 14 -7.66 2.54 14.73
CA MET A 14 -6.82 3.00 15.86
C MET A 14 -6.09 1.85 16.54
N ASN A 15 -6.61 0.63 16.42
CA ASN A 15 -5.98 -0.53 17.02
C ASN A 15 -5.00 -1.16 16.05
N LEU A 16 -3.70 -0.97 16.31
CA LEU A 16 -2.67 -1.53 15.44
C LEU A 16 -1.90 -2.63 16.15
N THR A 17 -1.42 -3.60 15.38
CA THR A 17 -0.63 -4.69 15.94
C THR A 17 0.78 -4.67 15.39
N TYR A 18 1.71 -5.18 16.20
CA TYR A 18 3.07 -5.38 15.71
C TYR A 18 3.61 -6.74 16.08
N ARG A 19 4.61 -7.19 15.32
CA ARG A 19 5.26 -8.47 15.58
C ARG A 19 6.77 -8.33 15.39
N ILE A 20 7.51 -8.78 16.41
CA ILE A 20 8.96 -8.84 16.30
C ILE A 20 9.33 -10.22 15.75
N VAL A 21 9.64 -10.24 14.46
CA VAL A 21 9.78 -11.47 13.71
C VAL A 21 11.08 -12.19 14.07
N ASN A 22 12.16 -11.43 14.20
CA ASN A 22 13.43 -11.99 14.65
C ASN A 22 14.20 -10.93 15.43
N TYR A 23 15.39 -11.28 15.88
CA TYR A 23 16.11 -10.43 16.83
C TYR A 23 17.56 -10.23 16.46
N THR A 24 18.06 -9.03 16.74
CA THR A 24 19.48 -8.72 16.53
C THR A 24 20.40 -9.50 17.49
N PRO A 25 21.62 -9.86 17.05
CA PRO A 25 22.60 -10.46 17.98
C PRO A 25 23.03 -9.51 19.11
N ASP A 26 22.89 -8.21 18.86
CA ASP A 26 23.52 -7.15 19.68
C ASP A 26 22.96 -6.93 21.09
N MET A 27 21.70 -7.32 21.29
CA MET A 27 20.95 -6.96 22.50
C MET A 27 20.15 -8.17 22.93
N THR A 28 19.79 -8.23 24.21
CA THR A 28 18.91 -9.30 24.69
C THR A 28 17.50 -9.16 24.10
N HIS A 29 16.74 -10.25 24.10
CA HIS A 29 15.33 -10.18 23.69
C HIS A 29 14.59 -9.11 24.48
N SER A 30 14.78 -9.11 25.80
CA SER A 30 14.10 -8.15 26.66
C SER A 30 14.44 -6.70 26.30
N GLU A 31 15.71 -6.42 26.03
CA GLU A 31 16.14 -5.06 25.64
C GLU A 31 15.47 -4.60 24.34
N VAL A 32 15.39 -5.50 23.38
CA VAL A 32 14.76 -5.22 22.08
C VAL A 32 13.26 -4.94 22.27
N GLU A 33 12.58 -5.84 22.97
CA GLU A 33 11.18 -5.67 23.31
C GLU A 33 10.89 -4.36 24.04
N LYS A 34 11.72 -4.01 25.02
CA LYS A 34 11.55 -2.74 25.77
C LYS A 34 11.70 -1.54 24.85
N ALA A 35 12.70 -1.59 23.99
CA ALA A 35 12.98 -0.52 23.02
C ALA A 35 11.79 -0.27 22.11
N PHE A 36 11.23 -1.35 21.54
CA PHE A 36 10.10 -1.21 20.62
C PHE A 36 8.83 -0.76 21.34
N LYS A 37 8.60 -1.33 22.52
CA LYS A 37 7.46 -0.91 23.34
C LYS A 37 7.51 0.59 23.64
N LYS A 38 8.70 1.07 24.03
CA LYS A 38 8.90 2.49 24.32
C LYS A 38 8.70 3.35 23.07
N ALA A 39 9.22 2.86 21.93
CA ALA A 39 9.08 3.56 20.66
C ALA A 39 7.61 3.74 20.23
N PHE A 40 6.80 2.69 20.39
CA PHE A 40 5.37 2.80 20.08
C PHE A 40 4.68 3.76 21.05
N LYS A 41 5.09 3.74 22.30
CA LYS A 41 4.50 4.61 23.32
C LYS A 41 4.69 6.10 23.02
N VAL A 42 5.80 6.43 22.36
CA VAL A 42 6.05 7.79 21.89
C VAL A 42 4.83 8.32 21.11
N TRP A 43 4.29 7.48 20.24
CA TRP A 43 3.24 7.86 19.31
C TRP A 43 1.83 7.68 19.89
N SER A 44 1.61 6.61 20.66
CA SER A 44 0.31 6.39 21.29
C SER A 44 0.03 7.44 22.38
N ASP A 45 1.08 7.99 23.00
CA ASP A 45 0.92 8.98 24.06
C ASP A 45 0.29 10.28 23.56
N VAL A 46 0.39 10.53 22.25
CA VAL A 46 -0.07 11.82 21.66
C VAL A 46 -1.15 11.68 20.58
N THR A 47 -1.77 10.50 20.51
CA THR A 47 -2.79 10.18 19.53
C THR A 47 -3.81 9.25 20.20
N PRO A 48 -4.89 8.86 19.49
CA PRO A 48 -5.74 7.79 19.98
C PRO A 48 -5.28 6.37 19.60
N LEU A 49 -4.09 6.25 19.00
CA LEU A 49 -3.59 4.93 18.55
C LEU A 49 -3.28 3.97 19.69
N ASN A 50 -3.62 2.70 19.49
CA ASN A 50 -3.27 1.63 20.43
C ASN A 50 -2.40 0.61 19.71
N PHE A 51 -1.35 0.16 20.39
CA PHE A 51 -0.41 -0.82 19.85
C PHE A 51 -0.38 -2.08 20.69
N THR A 52 -0.65 -3.20 20.05
CA THR A 52 -0.62 -4.51 20.74
C THR A 52 0.38 -5.43 20.05
N ARG A 53 1.24 -6.04 20.85
CA ARG A 53 2.21 -6.98 20.33
C ARG A 53 1.61 -8.38 20.08
N LEU A 54 1.88 -8.92 18.89
CA LEU A 54 1.55 -10.30 18.56
C LEU A 54 2.82 -11.13 18.61
N HIS A 55 2.72 -12.37 19.08
CA HIS A 55 3.89 -13.23 19.15
C HIS A 55 4.18 -13.98 17.85
N ASP A 56 3.16 -14.11 17.01
CA ASP A 56 3.27 -14.79 15.72
C ASP A 56 2.15 -14.36 14.79
N GLY A 57 2.10 -14.93 13.59
CA GLY A 57 1.08 -14.58 12.61
C GLY A 57 1.28 -13.23 11.95
N ILE A 58 0.21 -12.70 11.38
CA ILE A 58 0.28 -11.45 10.62
C ILE A 58 -0.14 -10.26 11.46
N ALA A 59 0.80 -9.34 11.66
CA ALA A 59 0.53 -8.08 12.32
C ALA A 59 0.56 -6.95 11.30
N ASP A 60 -0.03 -5.81 11.65
CA ASP A 60 0.02 -4.61 10.80
C ASP A 60 1.45 -4.19 10.55
N ILE A 61 2.21 -4.09 11.64
CA ILE A 61 3.62 -3.67 11.57
C ILE A 61 4.52 -4.88 11.85
N MET A 62 5.05 -5.48 10.79
CA MET A 62 6.00 -6.59 10.92
C MET A 62 7.41 -6.04 11.03
N ILE A 63 8.06 -6.35 12.16
CA ILE A 63 9.41 -5.84 12.45
C ILE A 63 10.45 -6.94 12.28
N SER A 64 11.52 -6.65 11.54
CA SER A 64 12.59 -7.66 11.41
C SER A 64 13.95 -7.04 11.21
N PHE A 65 14.96 -7.87 11.48
CA PHE A 65 16.37 -7.55 11.27
C PHE A 65 16.90 -8.40 10.11
N GLY A 66 17.55 -7.76 9.17
CA GLY A 66 18.10 -8.47 8.04
C GLY A 66 19.30 -7.76 7.48
N ILE A 67 20.00 -8.44 6.58
CA ILE A 67 21.15 -7.83 5.91
C ILE A 67 21.00 -7.94 4.39
N LYS A 68 21.68 -7.05 3.69
CA LYS A 68 21.74 -7.07 2.22
C LYS A 68 20.33 -7.27 1.59
N GLU A 69 20.19 -8.22 0.65
CA GLU A 69 18.87 -8.53 0.09
C GLU A 69 18.06 -9.29 1.13
N HIS A 70 16.91 -8.72 1.53
CA HIS A 70 16.09 -9.28 2.60
C HIS A 70 14.60 -9.43 2.25
N GLY A 71 14.25 -9.30 0.97
CA GLY A 71 12.89 -9.58 0.48
C GLY A 71 12.08 -8.38 0.02
N ASP A 72 12.76 -7.34 -0.44
CA ASP A 72 12.09 -6.17 -1.01
C ASP A 72 13.03 -5.43 -1.95
N PHE A 73 12.59 -4.26 -2.45
CA PHE A 73 13.37 -3.49 -3.41
C PHE A 73 14.34 -2.51 -2.75
N TYR A 74 14.55 -2.69 -1.45
CA TYR A 74 15.40 -1.79 -0.67
C TYR A 74 16.50 -2.58 0.06
N PRO A 75 17.42 -3.20 -0.72
CA PRO A 75 18.46 -4.00 -0.06
C PRO A 75 19.38 -3.16 0.83
N PHE A 76 19.84 -3.75 1.93
CA PHE A 76 20.79 -3.08 2.80
C PHE A 76 22.19 -3.17 2.21
N ASP A 77 23.13 -2.47 2.85
CA ASP A 77 24.41 -2.15 2.22
C ASP A 77 25.63 -2.46 3.09
N GLY A 78 25.44 -3.29 4.12
CA GLY A 78 26.50 -3.58 5.07
C GLY A 78 26.63 -2.51 6.13
N PRO A 79 27.77 -2.50 6.85
CA PRO A 79 28.01 -1.54 7.94
C PRO A 79 27.92 -0.10 7.46
N SER A 80 27.30 0.75 8.29
CA SER A 80 27.02 2.18 7.96
C SER A 80 26.16 2.34 6.70
N GLY A 81 26.10 3.55 6.16
CA GLY A 81 25.18 3.85 5.06
C GLY A 81 23.73 3.73 5.52
N LEU A 82 22.92 3.01 4.77
CA LEU A 82 21.53 2.73 5.16
C LEU A 82 21.50 1.96 6.48
N LEU A 83 20.61 2.35 7.37
CA LEU A 83 20.47 1.67 8.66
C LEU A 83 19.15 0.96 8.90
N ALA A 84 18.09 1.42 8.24
CA ALA A 84 16.74 0.92 8.45
C ALA A 84 15.81 1.56 7.45
N HIS A 85 14.64 0.97 7.26
CA HIS A 85 13.58 1.64 6.52
C HIS A 85 12.24 1.05 6.94
N ALA A 86 11.19 1.82 6.69
CA ALA A 86 9.84 1.45 7.04
C ALA A 86 8.89 1.86 5.92
N PHE A 87 7.84 1.09 5.72
CA PHE A 87 6.85 1.38 4.69
C PHE A 87 5.69 2.21 5.24
N PRO A 88 5.18 3.16 4.44
CA PRO A 88 4.01 3.91 4.88
C PRO A 88 2.78 3.01 5.08
N PRO A 89 1.76 3.49 5.81
CA PRO A 89 0.56 2.70 6.07
C PRO A 89 -0.03 2.09 4.80
N GLY A 90 -0.52 0.86 4.92
CA GLY A 90 -1.07 0.11 3.79
C GLY A 90 -1.04 -1.39 4.04
N PRO A 91 -1.50 -2.19 3.05
CA PRO A 91 -1.55 -3.65 3.17
C PRO A 91 -0.22 -4.31 2.88
N ASN A 92 -0.13 -5.61 3.19
CA ASN A 92 1.11 -6.38 3.05
C ASN A 92 2.24 -5.59 3.67
N TYR A 93 3.22 -5.21 2.84
CA TYR A 93 4.41 -4.49 3.29
C TYR A 93 4.14 -3.20 4.07
N GLY A 94 2.98 -2.59 3.83
CA GLY A 94 2.62 -1.32 4.47
C GLY A 94 2.82 -1.37 5.97
N GLY A 95 3.49 -0.36 6.52
CA GLY A 95 3.75 -0.31 7.96
C GLY A 95 4.98 -1.07 8.42
N ASP A 96 5.45 -2.04 7.64
CA ASP A 96 6.57 -2.88 8.10
C ASP A 96 7.85 -2.08 8.32
N ALA A 97 8.65 -2.53 9.28
CA ALA A 97 9.91 -1.85 9.62
C ALA A 97 11.05 -2.85 9.62
N HIS A 98 12.09 -2.51 8.85
CA HIS A 98 13.27 -3.35 8.68
C HIS A 98 14.52 -2.65 9.17
N PHE A 99 15.32 -3.37 9.94
CA PHE A 99 16.55 -2.85 10.52
C PHE A 99 17.75 -3.62 9.97
N ASP A 100 18.79 -2.88 9.58
CA ASP A 100 19.99 -3.46 9.00
C ASP A 100 20.82 -4.12 10.08
N ASP A 101 20.89 -5.45 10.06
CA ASP A 101 21.66 -6.13 11.10
C ASP A 101 23.18 -6.17 10.87
N ASP A 102 23.66 -5.39 9.90
CA ASP A 102 25.09 -5.11 9.82
C ASP A 102 25.49 -3.86 10.63
N GLU A 103 24.50 -3.17 11.19
CA GLU A 103 24.75 -2.06 12.10
C GLU A 103 24.86 -2.60 13.52
N THR A 104 25.41 -1.78 14.41
CA THR A 104 25.43 -2.08 15.85
C THR A 104 24.27 -1.38 16.56
N TRP A 105 23.33 -2.18 17.07
CA TRP A 105 22.14 -1.70 17.78
C TRP A 105 22.36 -1.78 19.29
N THR A 106 22.01 -0.70 19.99
CA THR A 106 22.24 -0.64 21.44
C THR A 106 21.09 -0.08 22.25
N SER A 107 21.20 -0.23 23.57
CA SER A 107 20.32 0.46 24.52
C SER A 107 21.16 1.49 25.28
N SER A 108 22.03 2.17 24.54
CA SER A 108 22.98 3.15 25.08
C SER A 108 23.24 4.26 24.07
N SER A 109 24.24 5.08 24.35
CA SER A 109 24.68 6.13 23.42
C SER A 109 25.60 5.62 22.31
N LYS A 110 26.06 4.38 22.42
CA LYS A 110 26.95 3.79 21.41
C LYS A 110 26.20 3.24 20.20
N GLY A 111 26.93 3.07 19.09
CA GLY A 111 26.31 2.60 17.83
C GLY A 111 25.06 3.37 17.49
N TYR A 112 23.99 2.66 17.13
CA TYR A 112 22.69 3.30 16.96
C TYR A 112 21.78 2.84 18.07
N ASN A 113 21.21 3.80 18.79
CA ASN A 113 20.27 3.49 19.85
C ASN A 113 18.97 2.95 19.22
N LEU A 114 18.62 1.71 19.57
CA LEU A 114 17.49 1.07 18.90
C LEU A 114 16.16 1.79 19.16
N PHE A 115 15.93 2.21 20.41
CA PHE A 115 14.71 2.97 20.73
C PHE A 115 14.56 4.22 19.82
N LEU A 116 15.63 4.98 19.69
CA LEU A 116 15.58 6.21 18.92
C LEU A 116 15.32 5.95 17.43
N VAL A 117 16.03 4.99 16.87
CA VAL A 117 15.84 4.65 15.45
C VAL A 117 14.44 4.07 15.24
N ALA A 118 14.00 3.18 16.13
CA ALA A 118 12.66 2.59 16.05
C ALA A 118 11.56 3.64 16.11
N ALA A 119 11.68 4.61 17.04
CA ALA A 119 10.69 5.69 17.16
C ALA A 119 10.55 6.49 15.86
N HIS A 120 11.69 6.83 15.26
CA HIS A 120 11.73 7.45 13.92
C HIS A 120 11.07 6.55 12.87
N GLU A 121 11.49 5.30 12.78
CA GLU A 121 10.97 4.39 11.75
C GLU A 121 9.44 4.19 11.88
N PHE A 122 8.97 4.09 13.13
CA PHE A 122 7.53 3.92 13.35
C PHE A 122 6.76 5.18 12.93
N GLY A 123 7.41 6.34 13.01
CA GLY A 123 6.83 7.55 12.43
C GLY A 123 6.48 7.32 10.98
N HIS A 124 7.41 6.74 10.22
CA HIS A 124 7.17 6.36 8.82
C HIS A 124 6.05 5.32 8.71
N SER A 125 6.11 4.29 9.55
CA SER A 125 5.07 3.24 9.58
C SER A 125 3.66 3.80 9.79
N LEU A 126 3.59 4.97 10.42
CA LEU A 126 2.31 5.63 10.72
C LEU A 126 1.92 6.73 9.74
N GLY A 127 2.81 7.07 8.81
CA GLY A 127 2.51 8.04 7.77
C GLY A 127 3.23 9.37 7.81
N LEU A 128 4.28 9.50 8.63
CA LEU A 128 5.10 10.71 8.61
C LEU A 128 6.30 10.52 7.71
N ASP A 129 6.56 11.51 6.86
CA ASP A 129 7.78 11.56 6.09
C ASP A 129 8.79 12.39 6.87
N HIS A 130 9.86 12.84 6.23
CA HIS A 130 10.91 13.59 6.94
C HIS A 130 10.53 15.04 7.16
N SER A 131 11.05 15.61 8.24
CA SER A 131 10.86 17.00 8.61
C SER A 131 12.12 17.81 8.31
N LYS A 132 11.94 19.12 8.12
CA LYS A 132 13.10 20.02 7.97
C LYS A 132 13.58 20.62 9.30
N ASP A 133 12.83 20.35 10.38
CA ASP A 133 13.20 20.86 11.69
C ASP A 133 14.38 20.03 12.25
N PRO A 134 15.57 20.65 12.41
CA PRO A 134 16.76 19.90 12.87
C PRO A 134 16.59 19.27 14.26
N GLY A 135 15.62 19.76 15.03
CA GLY A 135 15.34 19.21 16.35
C GLY A 135 14.27 18.12 16.36
N ALA A 136 13.68 17.80 15.20
CA ALA A 136 12.58 16.84 15.14
C ALA A 136 13.05 15.40 15.20
N LEU A 137 12.18 14.52 15.73
CA LEU A 137 12.42 13.07 15.68
C LEU A 137 12.53 12.63 14.22
N MET A 138 11.71 13.24 13.36
CA MET A 138 11.62 12.87 11.94
C MET A 138 12.61 13.60 11.03
N PHE A 139 13.55 14.35 11.61
CA PHE A 139 14.64 14.91 10.83
C PHE A 139 15.38 13.74 10.18
N PRO A 140 15.89 13.91 8.94
CA PRO A 140 16.52 12.77 8.25
C PRO A 140 17.91 12.30 8.67
N ILE A 141 18.51 12.92 9.68
CA ILE A 141 19.86 12.53 10.08
C ILE A 141 19.94 12.23 11.58
N TYR A 142 20.44 11.03 11.89
CA TYR A 142 20.57 10.55 13.26
C TYR A 142 21.62 11.34 14.05
N THR A 143 21.23 11.82 15.23
CA THR A 143 22.15 12.35 16.24
C THR A 143 21.65 11.95 17.62
N TYR A 144 22.52 11.37 18.45
CA TYR A 144 22.13 11.00 19.80
C TYR A 144 22.42 12.17 20.76
N THR A 145 21.37 12.78 21.30
CA THR A 145 21.54 14.00 22.10
C THR A 145 21.70 13.77 23.61
N GLY A 146 21.16 12.66 24.10
CA GLY A 146 21.31 12.28 25.51
C GLY A 146 20.10 12.65 26.35
N HIS A 149 15.02 12.07 29.97
CA HIS A 149 13.60 11.85 29.73
C HIS A 149 13.23 12.27 28.30
N PHE A 150 12.76 11.31 27.50
CA PHE A 150 12.42 11.58 26.11
C PHE A 150 11.14 12.39 26.02
N MET A 151 11.18 13.47 25.24
CA MET A 151 10.00 14.24 24.92
C MET A 151 9.90 14.36 23.41
N LEU A 152 8.77 13.94 22.85
CA LEU A 152 8.54 14.07 21.41
C LEU A 152 8.49 15.56 21.06
N PRO A 153 9.35 16.02 20.13
CA PRO A 153 9.37 17.42 19.70
C PRO A 153 8.03 17.88 19.12
N ASP A 154 7.75 19.16 19.26
CA ASP A 154 6.46 19.70 18.83
C ASP A 154 6.18 19.46 17.35
N ASP A 155 7.20 19.57 16.49
CA ASP A 155 6.99 19.32 15.06
C ASP A 155 6.40 17.92 14.79
N ASP A 156 6.93 16.91 15.47
CA ASP A 156 6.41 15.54 15.33
C ASP A 156 5.01 15.38 15.91
N VAL A 157 4.74 15.99 17.07
CA VAL A 157 3.39 16.02 17.66
C VAL A 157 2.39 16.61 16.65
N GLN A 158 2.73 17.77 16.08
CA GLN A 158 1.82 18.40 15.13
C GLN A 158 1.59 17.50 13.92
N GLY A 159 2.66 16.85 13.45
CA GLY A 159 2.58 15.99 12.28
C GLY A 159 1.69 14.77 12.51
N ILE A 160 1.92 14.07 13.60
CA ILE A 160 1.14 12.86 13.86
C ILE A 160 -0.32 13.16 14.19
N GLN A 161 -0.56 14.29 14.85
CA GLN A 161 -1.93 14.69 15.20
C GLN A 161 -2.71 15.18 14.00
N SER A 162 -2.00 15.64 12.96
CA SER A 162 -2.64 16.01 11.70
C SER A 162 -3.27 14.79 11.03
N LEU A 163 -2.68 13.62 11.28
CA LEU A 163 -3.18 12.36 10.71
C LEU A 163 -4.23 11.68 11.58
N TYR A 164 -4.02 11.64 12.90
CA TYR A 164 -4.81 10.79 13.79
C TYR A 164 -5.60 11.52 14.88
N GLY A 165 -5.41 12.83 14.99
CA GLY A 165 -5.97 13.58 16.12
C GLY A 165 -5.14 13.37 17.39
N PRO A 166 -5.45 14.14 18.46
CA PRO A 166 -4.67 14.09 19.69
C PRO A 166 -4.98 12.95 20.66
N GLY A 167 -6.09 12.25 20.44
CA GLY A 167 -6.61 11.37 21.49
C GLY A 167 -6.87 12.20 22.73
N ASP A 168 -6.73 11.59 23.91
CA ASP A 168 -6.92 12.28 25.16
C ASP A 168 -5.81 13.30 25.35
N GLU A 169 -6.21 14.57 25.45
CA GLU A 169 -5.23 15.66 25.52
C GLU A 169 -4.58 15.80 26.88
N ASP A 170 -5.18 15.18 27.89
CA ASP A 170 -4.61 15.14 29.23
C ASP A 170 -4.74 13.74 29.84
N TYR B 2 6.93 19.56 9.50
CA TYR B 2 6.70 18.10 9.25
C TYR B 2 6.20 17.82 7.84
N ASN B 3 6.31 16.57 7.40
CA ASN B 3 5.71 16.12 6.15
C ASN B 3 4.96 14.82 6.31
N VAL B 4 3.91 14.67 5.52
CA VAL B 4 3.16 13.44 5.48
C VAL B 4 3.35 12.84 4.10
N PHE B 5 2.74 11.68 3.86
CA PHE B 5 2.67 11.12 2.52
C PHE B 5 1.31 11.50 1.91
N PRO B 6 1.30 12.48 0.99
CA PRO B 6 0.05 12.82 0.32
C PRO B 6 -0.35 11.74 -0.68
N ARG B 7 -1.65 11.50 -0.80
CA ARG B 7 -2.20 10.46 -1.66
C ARG B 7 -2.79 11.11 -2.89
N THR B 8 -2.40 10.64 -4.08
CA THR B 8 -3.01 11.16 -5.30
C THR B 8 -4.37 10.49 -5.45
N LEU B 9 -5.41 11.30 -5.38
CA LEU B 9 -6.79 10.79 -5.29
C LEU B 9 -7.35 10.40 -6.65
N LYS B 10 -6.86 11.07 -7.70
CA LYS B 10 -7.38 10.88 -9.04
C LYS B 10 -6.36 11.33 -10.08
N TRP B 11 -6.51 10.82 -11.30
CA TRP B 11 -5.65 11.24 -12.40
C TRP B 11 -5.89 12.71 -12.68
N SER B 12 -4.80 13.45 -12.92
CA SER B 12 -4.88 14.89 -13.17
C SER B 12 -5.10 15.23 -14.65
N LYS B 13 -5.15 14.20 -15.49
CA LYS B 13 -5.48 14.36 -16.90
C LYS B 13 -6.64 13.44 -17.23
N MET B 14 -7.40 13.80 -18.26
CA MET B 14 -8.58 13.02 -18.67
C MET B 14 -8.26 11.96 -19.74
N ASN B 15 -7.15 12.15 -20.44
CA ASN B 15 -6.75 11.22 -21.49
C ASN B 15 -5.67 10.29 -20.97
N LEU B 16 -6.05 9.03 -20.79
CA LEU B 16 -5.14 8.02 -20.25
C LEU B 16 -4.76 7.01 -21.31
N THR B 17 -3.57 6.43 -21.16
CA THR B 17 -3.15 5.37 -22.05
C THR B 17 -3.05 4.04 -21.32
N TYR B 18 -3.24 2.95 -22.05
CA TYR B 18 -2.97 1.61 -21.52
C TYR B 18 -2.16 0.76 -22.48
N ARG B 19 -1.52 -0.28 -21.94
CA ARG B 19 -0.74 -1.21 -22.76
C ARG B 19 -0.97 -2.62 -22.22
N ILE B 20 -1.33 -3.53 -23.12
CA ILE B 20 -1.44 -4.95 -22.77
C ILE B 20 -0.07 -5.57 -23.02
N VAL B 21 0.64 -5.79 -21.92
CA VAL B 21 2.03 -6.23 -21.96
C VAL B 21 2.17 -7.67 -22.40
N ASN B 22 1.30 -8.52 -21.86
CA ASN B 22 1.30 -9.94 -22.25
C ASN B 22 -0.11 -10.49 -22.16
N TYR B 23 -0.26 -11.78 -22.48
CA TYR B 23 -1.59 -12.36 -22.71
C TYR B 23 -1.75 -13.70 -22.02
N THR B 24 -2.94 -13.92 -21.51
CA THR B 24 -3.30 -15.20 -20.92
C THR B 24 -3.42 -16.32 -21.96
N PRO B 25 -3.04 -17.56 -21.57
CA PRO B 25 -3.27 -18.71 -22.46
C PRO B 25 -4.75 -18.99 -22.72
N ASP B 26 -5.62 -18.53 -21.82
CA ASP B 26 -7.03 -18.97 -21.77
C ASP B 26 -7.95 -18.41 -22.86
N MET B 27 -7.54 -17.31 -23.47
CA MET B 27 -8.39 -16.56 -24.39
C MET B 27 -7.55 -16.12 -25.59
N THR B 28 -8.19 -15.91 -26.75
CA THR B 28 -7.44 -15.41 -27.90
C THR B 28 -7.02 -13.96 -27.68
N HIS B 29 -6.03 -13.48 -28.44
CA HIS B 29 -5.60 -12.09 -28.32
C HIS B 29 -6.80 -11.17 -28.52
N SER B 30 -7.61 -11.44 -29.55
CA SER B 30 -8.75 -10.57 -29.83
C SER B 30 -9.77 -10.56 -28.70
N GLU B 31 -10.02 -11.72 -28.08
CA GLU B 31 -10.95 -11.78 -26.94
C GLU B 31 -10.44 -10.94 -25.76
N VAL B 32 -9.14 -10.98 -25.53
CA VAL B 32 -8.54 -10.22 -24.42
C VAL B 32 -8.65 -8.71 -24.69
N GLU B 33 -8.29 -8.32 -25.91
CA GLU B 33 -8.37 -6.94 -26.32
C GLU B 33 -9.78 -6.39 -26.23
N LYS B 34 -10.75 -7.19 -26.67
CA LYS B 34 -12.16 -6.81 -26.58
C LYS B 34 -12.62 -6.65 -25.12
N ALA B 35 -12.23 -7.57 -24.24
CA ALA B 35 -12.59 -7.48 -22.82
C ALA B 35 -12.05 -6.20 -22.19
N PHE B 36 -10.78 -5.90 -22.42
CA PHE B 36 -10.19 -4.70 -21.82
C PHE B 36 -10.80 -3.42 -22.39
N LYS B 37 -11.03 -3.41 -23.71
CA LYS B 37 -11.67 -2.25 -24.36
C LYS B 37 -13.04 -1.98 -23.75
N LYS B 38 -13.83 -3.05 -23.59
CA LYS B 38 -15.17 -2.93 -23.01
C LYS B 38 -15.07 -2.47 -21.56
N ALA B 39 -14.08 -2.98 -20.83
CA ALA B 39 -13.89 -2.60 -19.43
C ALA B 39 -13.57 -1.12 -19.25
N PHE B 40 -12.75 -0.55 -20.13
CA PHE B 40 -12.48 0.88 -20.11
C PHE B 40 -13.72 1.69 -20.48
N LYS B 41 -14.49 1.19 -21.46
CA LYS B 41 -15.72 1.85 -21.90
C LYS B 41 -16.73 2.03 -20.78
N VAL B 42 -16.75 1.08 -19.83
CA VAL B 42 -17.59 1.19 -18.64
C VAL B 42 -17.41 2.54 -17.94
N TRP B 43 -16.15 2.97 -17.79
CA TRP B 43 -15.83 4.19 -17.06
C TRP B 43 -15.85 5.44 -17.94
N SER B 44 -15.38 5.32 -19.19
CA SER B 44 -15.40 6.45 -20.11
C SER B 44 -16.83 6.85 -20.52
N ASP B 45 -17.76 5.91 -20.46
CA ASP B 45 -19.16 6.17 -20.80
C ASP B 45 -19.85 7.12 -19.80
N VAL B 46 -19.30 7.25 -18.60
CA VAL B 46 -19.97 8.01 -17.55
C VAL B 46 -19.12 9.14 -16.95
N THR B 47 -17.98 9.44 -17.59
CA THR B 47 -17.05 10.48 -17.15
C THR B 47 -16.44 11.14 -18.38
N PRO B 48 -15.64 12.23 -18.18
CA PRO B 48 -14.88 12.80 -19.29
C PRO B 48 -13.62 12.00 -19.65
N LEU B 49 -13.39 10.87 -18.97
CA LEU B 49 -12.19 10.05 -19.23
C LEU B 49 -12.18 9.40 -20.62
N ASN B 50 -11.00 9.40 -21.25
CA ASN B 50 -10.79 8.71 -22.52
C ASN B 50 -9.59 7.79 -22.39
N PHE B 51 -9.65 6.63 -23.02
CA PHE B 51 -8.57 5.64 -22.93
C PHE B 51 -8.14 5.22 -24.33
N THR B 52 -6.83 5.26 -24.56
CA THR B 52 -6.28 4.79 -25.82
C THR B 52 -5.17 3.77 -25.58
N ARG B 53 -5.03 2.85 -26.51
CA ARG B 53 -4.08 1.76 -26.39
C ARG B 53 -2.75 2.08 -27.07
N LEU B 54 -1.67 1.85 -26.31
CA LEU B 54 -0.31 1.92 -26.83
C LEU B 54 0.20 0.50 -27.00
N HIS B 55 0.97 0.25 -28.06
CA HIS B 55 1.51 -1.09 -28.34
C HIS B 55 2.89 -1.37 -27.79
N ASP B 56 3.62 -0.31 -27.45
CA ASP B 56 4.93 -0.44 -26.80
C ASP B 56 5.23 0.78 -25.93
N GLY B 57 6.35 0.71 -25.23
CA GLY B 57 6.75 1.77 -24.32
C GLY B 57 5.91 1.79 -23.06
N ILE B 58 6.00 2.90 -22.35
CA ILE B 58 5.27 3.02 -21.09
C ILE B 58 3.93 3.73 -21.31
N ALA B 59 2.88 3.13 -20.74
CA ALA B 59 1.53 3.68 -20.74
C ALA B 59 1.13 3.93 -19.30
N ASP B 60 0.11 4.78 -19.08
CA ASP B 60 -0.39 5.04 -17.73
C ASP B 60 -0.82 3.77 -17.02
N ILE B 61 -1.65 2.97 -17.70
CA ILE B 61 -2.16 1.73 -17.13
C ILE B 61 -1.49 0.54 -17.83
N MET B 62 -0.50 -0.03 -17.17
CA MET B 62 0.23 -1.17 -17.70
C MET B 62 -0.51 -2.43 -17.25
N ILE B 63 -0.97 -3.23 -18.22
CA ILE B 63 -1.74 -4.44 -17.94
C ILE B 63 -0.90 -5.69 -18.20
N SER B 64 -0.90 -6.62 -17.25
CA SER B 64 -0.19 -7.87 -17.45
C SER B 64 -0.77 -9.04 -16.71
N PHE B 65 -0.37 -10.23 -17.15
CA PHE B 65 -0.74 -11.50 -16.54
C PHE B 65 0.51 -12.14 -15.95
N GLY B 66 0.43 -12.56 -14.69
CA GLY B 66 1.57 -13.14 -13.99
C GLY B 66 1.13 -14.14 -12.95
N ILE B 67 2.08 -14.96 -12.50
CA ILE B 67 1.81 -15.93 -11.44
C ILE B 67 2.80 -15.76 -10.27
N LYS B 68 2.37 -16.18 -9.09
CA LYS B 68 3.19 -16.15 -7.87
C LYS B 68 3.91 -14.79 -7.74
N GLU B 69 5.22 -14.81 -7.46
CA GLU B 69 6.00 -13.58 -7.43
C GLU B 69 6.28 -13.13 -8.86
N HIS B 70 5.77 -11.95 -9.20
CA HIS B 70 5.76 -11.48 -10.58
C HIS B 70 6.38 -10.08 -10.75
N GLY B 71 7.09 -9.61 -9.73
CA GLY B 71 7.89 -8.39 -9.86
C GLY B 71 7.55 -7.17 -9.03
N ASP B 72 6.56 -7.28 -8.14
CA ASP B 72 6.20 -6.14 -7.28
C ASP B 72 6.12 -6.49 -5.79
N PHE B 73 6.52 -7.70 -5.43
CA PHE B 73 6.45 -8.20 -4.04
C PHE B 73 5.04 -8.29 -3.44
N TYR B 74 4.02 -8.25 -4.31
CA TYR B 74 2.67 -8.64 -3.95
C TYR B 74 2.34 -9.95 -4.68
N PRO B 75 2.88 -11.08 -4.20
CA PRO B 75 2.76 -12.31 -4.96
C PRO B 75 1.33 -12.82 -5.06
N PHE B 76 1.01 -13.42 -6.20
CA PHE B 76 -0.22 -14.19 -6.31
C PHE B 76 -0.03 -15.58 -5.66
N ASP B 77 -1.09 -16.37 -5.65
CA ASP B 77 -1.22 -17.51 -4.74
C ASP B 77 -1.77 -18.79 -5.39
N GLY B 78 -1.65 -18.87 -6.72
CA GLY B 78 -2.19 -20.01 -7.45
C GLY B 78 -3.70 -19.91 -7.64
N PRO B 79 -4.34 -21.01 -8.05
CA PRO B 79 -5.78 -21.03 -8.30
C PRO B 79 -6.58 -20.61 -7.06
N SER B 80 -7.63 -19.81 -7.27
CA SER B 80 -8.45 -19.23 -6.20
C SER B 80 -7.70 -18.21 -5.34
N GLY B 81 -8.27 -17.86 -4.19
CA GLY B 81 -7.71 -16.79 -3.35
C GLY B 81 -7.67 -15.47 -4.11
N LEU B 82 -6.50 -14.83 -4.11
CA LEU B 82 -6.30 -13.57 -4.84
C LEU B 82 -6.45 -13.80 -6.34
N LEU B 83 -7.13 -12.89 -7.02
CA LEU B 83 -7.34 -13.10 -8.47
C LEU B 83 -6.65 -12.06 -9.35
N ALA B 84 -6.36 -10.90 -8.76
CA ALA B 84 -5.84 -9.75 -9.49
C ALA B 84 -5.57 -8.63 -8.49
N HIS B 85 -4.82 -7.62 -8.93
CA HIS B 85 -4.72 -6.41 -8.15
C HIS B 85 -4.36 -5.23 -9.04
N ALA B 86 -4.80 -4.05 -8.61
CA ALA B 86 -4.52 -2.83 -9.34
C ALA B 86 -4.02 -1.76 -8.38
N PHE B 87 -3.13 -0.90 -8.88
CA PHE B 87 -2.59 0.20 -8.07
C PHE B 87 -3.41 1.48 -8.30
N PRO B 88 -3.61 2.26 -7.23
CA PRO B 88 -4.34 3.53 -7.37
C PRO B 88 -3.60 4.55 -8.27
N PRO B 89 -4.27 5.65 -8.65
CA PRO B 89 -3.71 6.65 -9.58
C PRO B 89 -2.35 7.19 -9.15
N GLY B 90 -1.49 7.47 -10.13
CA GLY B 90 -0.14 7.97 -9.87
C GLY B 90 0.87 7.48 -10.90
N PRO B 91 2.12 7.97 -10.82
CA PRO B 91 3.14 7.55 -11.78
C PRO B 91 3.65 6.14 -11.50
N ASN B 92 4.44 5.61 -12.45
CA ASN B 92 5.09 4.31 -12.28
C ASN B 92 4.06 3.21 -12.08
N TYR B 93 4.12 2.52 -10.94
CA TYR B 93 3.18 1.44 -10.63
C TYR B 93 1.74 1.91 -10.62
N GLY B 94 1.52 3.19 -10.33
CA GLY B 94 0.19 3.76 -10.23
C GLY B 94 -0.65 3.39 -11.43
N GLY B 95 -1.88 2.95 -11.19
CA GLY B 95 -2.78 2.56 -12.27
C GLY B 95 -2.61 1.15 -12.83
N ASP B 96 -1.43 0.55 -12.65
CA ASP B 96 -1.17 -0.74 -13.27
C ASP B 96 -2.10 -1.83 -12.75
N ALA B 97 -2.44 -2.77 -13.63
CA ALA B 97 -3.34 -3.87 -13.31
C ALA B 97 -2.71 -5.22 -13.64
N HIS B 98 -2.64 -6.10 -12.65
CA HIS B 98 -2.08 -7.44 -12.84
C HIS B 98 -3.12 -8.49 -12.56
N PHE B 99 -3.19 -9.49 -13.42
CA PHE B 99 -4.16 -10.58 -13.32
C PHE B 99 -3.44 -11.89 -13.07
N ASP B 100 -3.96 -12.67 -12.11
CA ASP B 100 -3.32 -13.92 -11.72
C ASP B 100 -3.56 -14.98 -12.79
N ASP B 101 -2.49 -15.40 -13.46
CA ASP B 101 -2.66 -16.34 -14.59
C ASP B 101 -2.70 -17.80 -14.14
N ASP B 102 -2.80 -18.02 -12.83
CA ASP B 102 -3.17 -19.33 -12.32
C ASP B 102 -4.70 -19.47 -12.18
N GLU B 103 -5.44 -18.39 -12.46
CA GLU B 103 -6.89 -18.46 -12.57
C GLU B 103 -7.28 -18.83 -14.00
N THR B 104 -8.52 -19.25 -14.19
CA THR B 104 -9.08 -19.44 -15.52
C THR B 104 -9.88 -18.20 -15.92
N TRP B 105 -9.43 -17.55 -17.02
CA TRP B 105 -10.06 -16.34 -17.54
C TRP B 105 -10.91 -16.68 -18.76
N THR B 106 -12.12 -16.11 -18.82
CA THR B 106 -13.06 -16.41 -19.91
C THR B 106 -13.85 -15.19 -20.36
N SER B 107 -14.51 -15.33 -21.51
CA SER B 107 -15.51 -14.36 -21.94
C SER B 107 -16.92 -14.83 -21.61
N SER B 108 -17.01 -15.86 -20.76
CA SER B 108 -18.30 -16.44 -20.36
C SER B 108 -18.39 -16.58 -18.84
N SER B 109 -19.00 -17.68 -18.40
CA SER B 109 -19.18 -17.98 -16.98
C SER B 109 -18.20 -19.02 -16.42
N LYS B 110 -17.46 -19.69 -17.31
CA LYS B 110 -16.54 -20.79 -16.92
C LYS B 110 -15.19 -20.31 -16.39
N GLY B 111 -15.15 -19.96 -15.11
CA GLY B 111 -13.96 -19.32 -14.52
C GLY B 111 -14.32 -17.90 -14.14
N TYR B 112 -13.38 -16.97 -14.29
CA TYR B 112 -13.65 -15.58 -14.04
C TYR B 112 -13.80 -14.85 -15.36
N ASN B 113 -14.86 -14.07 -15.48
CA ASN B 113 -15.08 -13.27 -16.67
C ASN B 113 -14.07 -12.12 -16.68
N LEU B 114 -13.18 -12.11 -17.68
CA LEU B 114 -12.09 -11.13 -17.74
C LEU B 114 -12.61 -9.71 -17.81
N PHE B 115 -13.63 -9.48 -18.65
CA PHE B 115 -14.25 -8.16 -18.74
C PHE B 115 -14.69 -7.65 -17.35
N LEU B 116 -15.40 -8.49 -16.61
CA LEU B 116 -15.96 -8.09 -15.33
C LEU B 116 -14.86 -7.78 -14.33
N VAL B 117 -13.87 -8.66 -14.24
CA VAL B 117 -12.77 -8.45 -13.30
C VAL B 117 -11.93 -7.24 -13.71
N ALA B 118 -11.68 -7.07 -15.01
CA ALA B 118 -10.98 -5.89 -15.53
C ALA B 118 -11.73 -4.59 -15.21
N ALA B 119 -13.04 -4.56 -15.42
CA ALA B 119 -13.85 -3.36 -15.09
C ALA B 119 -13.68 -2.97 -13.63
N HIS B 120 -13.76 -3.96 -12.74
CA HIS B 120 -13.55 -3.77 -11.30
C HIS B 120 -12.14 -3.24 -11.00
N GLU B 121 -11.13 -3.94 -11.51
CA GLU B 121 -9.75 -3.52 -11.29
C GLU B 121 -9.47 -2.12 -11.83
N PHE B 122 -10.03 -1.79 -12.99
CA PHE B 122 -9.85 -0.43 -13.53
C PHE B 122 -10.51 0.63 -12.66
N GLY B 123 -11.58 0.26 -11.96
CA GLY B 123 -12.15 1.11 -10.92
C GLY B 123 -11.10 1.49 -9.89
N HIS B 124 -10.31 0.52 -9.45
CA HIS B 124 -9.19 0.80 -8.54
C HIS B 124 -8.12 1.66 -9.20
N SER B 125 -7.80 1.36 -10.46
CA SER B 125 -6.78 2.11 -11.20
C SER B 125 -7.15 3.60 -11.27
N LEU B 126 -8.45 3.88 -11.21
CA LEU B 126 -8.98 5.23 -11.36
C LEU B 126 -9.24 5.96 -10.04
N GLY B 127 -9.17 5.22 -8.94
CA GLY B 127 -9.23 5.83 -7.61
C GLY B 127 -10.38 5.38 -6.72
N LEU B 128 -11.12 4.35 -7.16
CA LEU B 128 -12.21 3.82 -6.35
C LEU B 128 -11.75 2.71 -5.42
N ASP B 129 -12.24 2.76 -4.18
CA ASP B 129 -12.04 1.69 -3.22
C ASP B 129 -13.28 0.80 -3.32
N HIS B 130 -13.36 -0.19 -2.43
CA HIS B 130 -14.52 -1.08 -2.45
C HIS B 130 -15.78 -0.42 -1.91
N SER B 131 -16.91 -0.80 -2.51
CA SER B 131 -18.22 -0.34 -2.07
C SER B 131 -18.81 -1.33 -1.06
N LYS B 132 -19.73 -0.84 -0.23
CA LYS B 132 -20.49 -1.71 0.67
C LYS B 132 -21.83 -2.13 0.08
N ASP B 133 -22.14 -1.62 -1.11
CA ASP B 133 -23.38 -1.97 -1.81
C ASP B 133 -23.19 -3.33 -2.51
N PRO B 134 -23.94 -4.36 -2.09
CA PRO B 134 -23.73 -5.69 -2.66
C PRO B 134 -24.04 -5.80 -4.15
N GLY B 135 -24.72 -4.80 -4.69
CA GLY B 135 -25.03 -4.74 -6.13
C GLY B 135 -23.98 -4.02 -6.96
N ALA B 136 -23.01 -3.39 -6.31
CA ALA B 136 -22.05 -2.53 -7.01
C ALA B 136 -20.99 -3.33 -7.77
N LEU B 137 -20.52 -2.76 -8.88
CA LEU B 137 -19.35 -3.32 -9.55
C LEU B 137 -18.15 -3.39 -8.60
N MET B 138 -18.01 -2.38 -7.74
CA MET B 138 -16.88 -2.27 -6.81
C MET B 138 -17.08 -3.03 -5.48
N PHE B 139 -18.11 -3.85 -5.39
CA PHE B 139 -18.27 -4.75 -4.23
C PHE B 139 -17.11 -5.77 -4.25
N PRO B 140 -16.58 -6.16 -3.07
CA PRO B 140 -15.42 -7.07 -3.07
C PRO B 140 -15.67 -8.58 -3.30
N ILE B 141 -16.90 -8.98 -3.62
CA ILE B 141 -17.18 -10.39 -3.89
C ILE B 141 -17.68 -10.56 -5.32
N TYR B 142 -17.01 -11.44 -6.07
CA TYR B 142 -17.35 -11.71 -7.48
C TYR B 142 -18.60 -12.58 -7.62
N THR B 143 -19.54 -12.11 -8.45
CA THR B 143 -20.70 -12.89 -8.91
C THR B 143 -20.84 -12.68 -10.42
N TYR B 144 -21.61 -13.54 -11.07
CA TYR B 144 -21.82 -13.44 -12.51
C TYR B 144 -23.31 -13.58 -12.84
N THR B 145 -23.87 -12.57 -13.49
CA THR B 145 -25.32 -12.54 -13.78
C THR B 145 -25.75 -13.47 -14.93
N GLY B 146 -24.86 -13.67 -15.90
CA GLY B 146 -25.18 -14.47 -17.07
C GLY B 146 -25.86 -13.70 -18.18
N LYS B 147 -26.09 -12.41 -17.97
CA LYS B 147 -26.77 -11.57 -18.95
C LYS B 147 -25.82 -10.97 -19.98
N SER B 148 -26.31 -10.80 -21.20
CA SER B 148 -25.49 -10.32 -22.31
C SER B 148 -25.14 -8.83 -22.23
N HIS B 149 -25.95 -8.05 -21.54
CA HIS B 149 -25.72 -6.60 -21.45
C HIS B 149 -25.28 -6.20 -20.06
N PHE B 150 -24.34 -5.27 -20.02
CA PHE B 150 -23.84 -4.77 -18.75
C PHE B 150 -24.23 -3.31 -18.56
N MET B 151 -24.76 -3.00 -17.39
CA MET B 151 -25.00 -1.61 -17.06
C MET B 151 -24.35 -1.28 -15.72
N LEU B 152 -23.57 -0.21 -15.70
CA LEU B 152 -22.86 0.18 -14.49
C LEU B 152 -23.87 0.61 -13.43
N PRO B 153 -23.86 -0.06 -12.26
CA PRO B 153 -24.77 0.31 -11.17
C PRO B 153 -24.60 1.75 -10.69
N ASP B 154 -25.70 2.33 -10.21
CA ASP B 154 -25.70 3.73 -9.80
C ASP B 154 -24.66 4.07 -8.73
N ASP B 155 -24.41 3.15 -7.80
CA ASP B 155 -23.37 3.37 -6.77
C ASP B 155 -21.98 3.64 -7.37
N ASP B 156 -21.64 2.89 -8.42
CA ASP B 156 -20.35 3.04 -9.07
C ASP B 156 -20.32 4.30 -9.91
N VAL B 157 -21.46 4.61 -10.56
CA VAL B 157 -21.61 5.87 -11.31
C VAL B 157 -21.37 7.08 -10.41
N GLN B 158 -22.06 7.11 -9.26
CA GLN B 158 -21.88 8.18 -8.29
C GLN B 158 -20.44 8.26 -7.79
N GLY B 159 -19.83 7.11 -7.52
CA GLY B 159 -18.45 7.03 -7.03
C GLY B 159 -17.46 7.63 -8.02
N ILE B 160 -17.50 7.16 -9.26
CA ILE B 160 -16.55 7.65 -10.27
C ILE B 160 -16.80 9.12 -10.61
N GLN B 161 -18.06 9.55 -10.62
CA GLN B 161 -18.39 10.94 -10.92
C GLN B 161 -18.00 11.88 -9.78
N SER B 162 -17.95 11.37 -8.55
CA SER B 162 -17.50 12.17 -7.41
C SER B 162 -16.05 12.64 -7.62
N LEU B 163 -15.30 11.87 -8.40
CA LEU B 163 -13.90 12.18 -8.69
C LEU B 163 -13.71 12.95 -9.98
N TYR B 164 -14.37 12.51 -11.05
CA TYR B 164 -14.12 13.05 -12.39
C TYR B 164 -15.29 13.85 -12.99
N GLY B 165 -16.43 13.85 -12.31
CA GLY B 165 -17.63 14.48 -12.86
C GLY B 165 -18.25 13.65 -13.97
N PRO B 166 -19.41 14.08 -14.48
CA PRO B 166 -20.04 13.38 -15.60
C PRO B 166 -19.36 13.71 -16.92
ZN ZN C . 13.46 8.43 8.08
ZN ZN D . 13.45 -3.95 3.67
CA CA E . 24.00 -0.33 6.45
CA CA F . 2.26 -4.63 7.13
CA CA G . 24.17 -6.31 14.30
C3 WNN H . 14.79 13.87 21.81
C2 WNN H . 13.89 14.17 20.81
C18 WNN H . 16.56 8.36 14.04
C4 WNN H . 16.01 13.34 21.46
C17 WNN H . 16.37 9.66 14.46
C1 WNN H . 14.18 13.95 19.49
C19 WNN H . 16.97 8.07 12.76
C21 WNN H . 17.02 10.41 12.33
C28 WNN H . 15.23 5.44 6.64
C5 WNN H . 16.31 13.12 20.13
C16 WNN H . 16.61 10.70 13.59
C6 WNN H . 15.41 13.42 19.14
C20 WNN H . 17.21 9.12 11.91
C26 WNN H . 15.79 7.34 7.29
C10 WNN H . 17.62 12.55 19.79
C8 WNN H . 16.85 12.71 17.54
C12 WNN H . 17.26 12.43 16.13
C15 WNN H . 16.46 12.17 13.89
C23 WNN H . 17.59 7.73 10.07
C24 WNN H . 18.07 7.88 8.64
N27 WNN H . 16.29 6.22 6.68
N30 WNN H . 14.49 7.30 7.63
N7 WNN H . 15.68 13.20 17.79
N29 WNN H . 14.17 6.06 7.19
N9 WNN H . 17.82 12.38 18.46
N14 WNN H . 16.22 12.52 15.25
O11 WNN H . 18.42 12.28 20.67
O13 WNN H . 18.41 12.10 15.89
O22 WNN H . 17.64 9.04 10.60
S25 WNN H . 16.84 8.72 7.60
ZN ZN I . -11.38 -4.77 -5.65
ZN ZN J . 1.35 -7.45 -9.16
CA CA K . -5.09 -16.82 -7.16
CA CA L . 1.30 3.19 -14.31
CA CA M . -4.73 -19.01 -16.94
C3 WNN N . -23.87 -5.98 -13.61
C2 WNN N . -23.47 -4.97 -12.77
C18 WNN N . -15.15 -8.23 -10.08
C4 WNN N . -23.35 -7.25 -13.48
C17 WNN N . -16.41 -7.75 -9.70
C1 WNN N . -22.54 -5.23 -11.77
C19 WNN N . -14.27 -8.71 -9.13
C21 WNN N . -15.90 -8.25 -7.43
C28 WNN N . -8.51 -6.99 -6.15
C5 WNN N . -22.43 -7.49 -12.49
C16 WNN N . -16.79 -7.77 -8.37
C6 WNN N . -22.00 -6.50 -11.62
C20 WNN N . -14.66 -8.70 -7.81
C26 WNN N . -10.39 -7.25 -5.28
C10 WNN N . -21.88 -8.85 -12.35
C8 WNN N . -20.62 -7.94 -10.53
C12 WNN N . -19.60 -8.31 -9.50
C15 WNN N . -18.10 -7.31 -7.86
C23 WNN N . -12.53 -8.86 -6.85
C24 WNN N . -11.98 -9.39 -5.55
N27 WNN N . -9.21 -7.89 -5.49
N30 WNN N . -10.48 -6.00 -5.79
N7 WNN N . -21.07 -6.72 -10.61
N29 WNN N . -9.26 -5.88 -6.33
N9 WNN N . -20.99 -8.98 -11.33
N14 WNN N . -19.16 -7.22 -8.82
O11 WNN N . -22.21 -9.76 -13.09
O13 WNN N . -19.22 -9.47 -9.40
O22 WNN N . -13.91 -9.15 -6.73
S25 WNN N . -11.73 -8.00 -4.42
#